data_4AIZ
#
_entry.id   4AIZ
#
_cell.length_a   89.402
_cell.length_b   40.946
_cell.length_c   106.726
_cell.angle_alpha   90.00
_cell.angle_beta   90.15
_cell.angle_gamma   90.00
#
_symmetry.space_group_name_H-M   'C 1 2 1'
#
loop_
_entity.id
_entity.type
_entity.pdbx_description
1 polymer 'V2-17 PROTEIN'
2 polymer 'V2-17 PROTEIN'
3 non-polymer 'SULFATE ION'
4 non-polymer 'CITRIC ACID'
5 non-polymer 1,5:6,10-dianhydro-3,4,7,8-tetradeoxy-2,9-bis-C-(hydroxymethyl)-L-manno-decitol
6 water water
#
loop_
_entity_poly.entity_id
_entity_poly.type
_entity_poly.pdbx_seq_one_letter_code
_entity_poly.pdbx_strand_id
1 'polypeptide(L)'
;SYELMQPPSVSVSPGQTARITCSGDALPKQYAYWYQQKPGQAPVLVIYKDSERPSGIPERFSGSSSGTTVTLTISGVQAE
DEADYYCQSADSSGTYVVFGGGTKLTVL
;
A,C,D
2 'polypeptide(L)'
;SYELMQPPSVSVSPGQTARITCSGDALPKQYAYWYQQKPGQAPVLVIYKDSERPSGIPERFSGSSSGTTVTLTISGVQAE
DEADYYCQSADSSGTYVVFGGGTKLVVL
;
B
#
loop_
_chem_comp.id
_chem_comp.type
_chem_comp.name
_chem_comp.formula
88Q non-polymer 1,5:6,10-dianhydro-3,4,7,8-tetradeoxy-2,9-bis-C-(hydroxymethyl)-L-manno-decitol 'C12 H22 O6'
CIT non-polymer 'CITRIC ACID' 'C6 H8 O7'
SO4 non-polymer 'SULFATE ION' 'O4 S -2'
#
# COMPACT_ATOMS: atom_id res chain seq x y z
N TYR A 2 2.26 7.75 -14.66
CA TYR A 2 3.54 7.07 -14.48
C TYR A 2 4.55 7.43 -15.56
N GLU A 3 5.54 8.24 -15.20
CA GLU A 3 6.54 8.70 -16.17
C GLU A 3 7.57 7.64 -16.56
N LEU A 4 7.51 6.47 -15.92
CA LEU A 4 8.31 5.33 -16.39
C LEU A 4 7.36 4.25 -16.91
N MET A 5 7.74 3.64 -18.02
CA MET A 5 6.88 2.67 -18.70
C MET A 5 7.25 1.25 -18.29
N GLN A 6 6.31 0.58 -17.65
CA GLN A 6 6.55 -0.73 -17.08
C GLN A 6 5.38 -1.63 -17.41
N PRO A 7 5.65 -2.86 -17.89
CA PRO A 7 4.54 -3.77 -18.20
C PRO A 7 3.84 -4.21 -16.93
N PRO A 8 2.49 -4.28 -16.98
CA PRO A 8 1.76 -4.59 -15.75
C PRO A 8 1.98 -6.01 -15.24
N SER A 9 2.40 -6.90 -16.13
N SER A 9 2.39 -6.91 -16.13
CA SER A 9 2.44 -8.33 -15.83
CA SER A 9 2.49 -8.31 -15.76
C SER A 9 3.59 -9.07 -16.53
C SER A 9 3.61 -9.04 -16.50
N VAL A 10 4.30 -9.91 -15.78
CA VAL A 10 5.29 -10.81 -16.35
C VAL A 10 5.06 -12.14 -15.64
N SER A 11 5.10 -13.26 -16.37
CA SER A 11 4.91 -14.58 -15.77
C SER A 11 5.97 -15.55 -16.24
N VAL A 12 6.48 -16.37 -15.33
CA VAL A 12 7.37 -17.44 -15.69
C VAL A 12 7.14 -18.66 -14.79
N SER A 13 7.56 -19.83 -15.23
CA SER A 13 7.55 -20.98 -14.34
C SER A 13 8.78 -21.01 -13.45
N PRO A 14 8.68 -21.74 -12.32
CA PRO A 14 9.78 -21.81 -11.34
C PRO A 14 11.07 -22.24 -12.01
N GLY A 15 12.19 -21.63 -11.65
CA GLY A 15 13.49 -21.98 -12.20
C GLY A 15 13.87 -21.15 -13.40
N GLN A 16 12.90 -20.50 -14.02
CA GLN A 16 13.20 -19.66 -15.17
C GLN A 16 13.83 -18.35 -14.70
N THR A 17 14.20 -17.51 -15.65
CA THR A 17 14.68 -16.18 -15.35
C THR A 17 13.63 -15.19 -15.82
N ALA A 18 13.28 -14.23 -14.96
CA ALA A 18 12.32 -13.22 -15.35
C ALA A 18 13.04 -11.90 -15.50
N ARG A 19 12.61 -11.14 -16.49
CA ARG A 19 13.16 -9.82 -16.75
C ARG A 19 12.02 -8.82 -16.72
N ILE A 20 12.15 -7.84 -15.83
CA ILE A 20 11.14 -6.80 -15.65
C ILE A 20 11.80 -5.49 -16.04
N THR A 21 11.22 -4.79 -17.00
CA THR A 21 11.85 -3.57 -17.55
C THR A 21 11.02 -2.32 -17.29
N CYS A 22 11.73 -1.22 -17.06
CA CYS A 22 11.11 0.10 -17.00
C CYS A 22 11.77 0.99 -18.05
N SER A 23 10.97 1.83 -18.69
CA SER A 23 11.46 2.69 -19.76
C SER A 23 11.17 4.17 -19.51
N GLY A 24 12.14 5.02 -19.83
CA GLY A 24 12.00 6.43 -19.60
C GLY A 24 13.13 7.22 -20.25
N ASP A 25 12.82 8.43 -20.67
CA ASP A 25 13.80 9.25 -21.39
C ASP A 25 14.97 9.68 -20.51
N ALA A 26 14.72 9.77 -19.20
CA ALA A 26 15.71 10.27 -18.26
C ALA A 26 16.59 9.19 -17.64
N LEU A 27 16.23 7.92 -17.85
CA LEU A 27 16.97 6.81 -17.26
C LEU A 27 18.48 6.76 -17.61
N PRO A 28 18.86 7.24 -18.80
CA PRO A 28 20.30 7.12 -19.07
C PRO A 28 21.23 7.79 -18.02
N LYS A 29 20.87 8.99 -17.57
N LYS A 29 20.88 8.99 -17.58
CA LYS A 29 21.72 9.74 -16.65
CA LYS A 29 21.77 9.69 -16.62
C LYS A 29 21.12 9.87 -15.26
C LYS A 29 21.18 9.81 -15.24
N GLN A 30 20.15 9.02 -14.95
CA GLN A 30 19.55 8.99 -13.62
C GLN A 30 19.51 7.55 -13.10
N TYR A 31 19.93 7.36 -11.85
CA TYR A 31 19.87 6.05 -11.22
C TYR A 31 18.44 5.54 -11.07
N ALA A 32 18.31 4.22 -11.17
CA ALA A 32 17.05 3.56 -10.89
C ALA A 32 17.15 2.79 -9.58
N TYR A 33 16.00 2.59 -8.93
CA TYR A 33 15.91 1.85 -7.68
C TYR A 33 14.74 0.87 -7.83
N TRP A 34 14.91 -0.34 -7.32
CA TRP A 34 13.89 -1.38 -7.49
C TRP A 34 13.39 -1.89 -6.15
N TYR A 35 12.07 -2.10 -6.07
CA TYR A 35 11.43 -2.66 -4.88
C TYR A 35 10.64 -3.90 -5.19
N GLN A 36 10.58 -4.77 -4.19
CA GLN A 36 9.70 -5.93 -4.17
C GLN A 36 8.60 -5.69 -3.16
N GLN A 37 7.37 -6.01 -3.56
CA GLN A 37 6.22 -5.86 -2.68
C GLN A 37 5.39 -7.14 -2.63
N LYS A 38 5.38 -7.78 -1.46
CA LYS A 38 4.57 -8.96 -1.22
C LYS A 38 3.33 -8.64 -0.38
N PRO A 39 2.30 -9.51 -0.42
CA PRO A 39 1.08 -9.16 0.30
C PRO A 39 1.23 -9.11 1.80
N GLY A 40 0.84 -7.99 2.40
CA GLY A 40 0.86 -7.82 3.85
C GLY A 40 2.23 -7.72 4.50
N GLN A 41 3.23 -7.33 3.73
CA GLN A 41 4.59 -7.21 4.23
C GLN A 41 5.17 -5.83 3.86
N ALA A 42 6.16 -5.38 4.61
CA ALA A 42 6.85 -4.14 4.25
C ALA A 42 7.52 -4.32 2.89
N PRO A 43 7.51 -3.26 2.07
CA PRO A 43 8.24 -3.30 0.80
C PRO A 43 9.73 -3.51 1.08
N VAL A 44 10.43 -4.11 0.11
CA VAL A 44 11.86 -4.36 0.21
C VAL A 44 12.62 -3.69 -0.93
N LEU A 45 13.63 -2.89 -0.58
CA LEU A 45 14.55 -2.34 -1.57
C LEU A 45 15.45 -3.48 -2.04
N VAL A 46 15.40 -3.81 -3.33
CA VAL A 46 16.22 -4.92 -3.86
C VAL A 46 17.45 -4.47 -4.65
N ILE A 47 17.33 -3.33 -5.33
CA ILE A 47 18.44 -2.75 -6.08
C ILE A 47 18.43 -1.24 -5.87
N TYR A 48 19.61 -0.65 -5.68
CA TYR A 48 19.73 0.80 -5.74
C TYR A 48 20.87 1.19 -6.66
N LYS A 49 20.84 2.43 -7.15
CA LYS A 49 21.85 2.94 -8.07
C LYS A 49 22.07 1.95 -9.23
N ASP A 50 20.97 1.55 -9.85
CA ASP A 50 20.99 0.71 -11.05
C ASP A 50 21.28 -0.77 -10.79
N SER A 51 22.27 -1.07 -9.97
CA SER A 51 22.77 -2.43 -9.98
C SER A 51 23.28 -2.94 -8.65
N GLU A 52 23.21 -2.12 -7.60
CA GLU A 52 23.75 -2.56 -6.31
C GLU A 52 22.68 -3.15 -5.40
N ARG A 53 23.03 -4.23 -4.71
N ARG A 53 23.05 -4.19 -4.66
CA ARG A 53 22.11 -4.89 -3.80
CA ARG A 53 22.13 -4.93 -3.80
C ARG A 53 22.44 -4.48 -2.37
C ARG A 53 22.40 -4.67 -2.33
N PRO A 54 21.41 -4.14 -1.60
CA PRO A 54 21.57 -4.02 -0.14
C PRO A 54 21.96 -5.39 0.45
N SER A 55 22.65 -5.38 1.59
CA SER A 55 22.93 -6.61 2.33
C SER A 55 21.65 -7.39 2.58
N GLY A 56 21.70 -8.69 2.34
CA GLY A 56 20.53 -9.54 2.54
C GLY A 56 19.75 -9.87 1.29
N ILE A 57 19.98 -9.10 0.22
CA ILE A 57 19.35 -9.40 -1.05
C ILE A 57 20.14 -10.47 -1.82
N PRO A 58 19.49 -11.60 -2.14
CA PRO A 58 20.13 -12.71 -2.89
C PRO A 58 20.72 -12.25 -4.22
N GLU A 59 21.83 -12.86 -4.62
CA GLU A 59 22.51 -12.45 -5.85
C GLU A 59 21.68 -12.78 -7.10
N ARG A 60 20.64 -13.59 -6.94
CA ARG A 60 19.80 -13.95 -8.07
C ARG A 60 18.99 -12.74 -8.56
N PHE A 61 18.87 -11.72 -7.71
CA PHE A 61 18.31 -10.44 -8.14
C PHE A 61 19.42 -9.54 -8.66
N SER A 62 19.27 -9.04 -9.88
CA SER A 62 20.30 -8.17 -10.42
C SER A 62 19.67 -7.05 -11.23
N GLY A 63 20.33 -5.90 -11.27
CA GLY A 63 19.81 -4.79 -12.03
C GLY A 63 20.78 -4.42 -13.14
N SER A 64 20.24 -3.92 -14.24
CA SER A 64 21.08 -3.40 -15.31
C SER A 64 20.44 -2.19 -15.97
N SER A 65 21.25 -1.46 -16.72
CA SER A 65 20.77 -0.26 -17.39
C SER A 65 21.17 -0.37 -18.85
N SER A 66 20.31 0.09 -19.75
CA SER A 66 20.60 0.06 -21.18
C SER A 66 19.78 1.10 -21.95
N GLY A 67 20.45 2.15 -22.40
CA GLY A 67 19.75 3.20 -23.13
C GLY A 67 18.67 3.83 -22.28
N THR A 68 17.43 3.73 -22.72
CA THR A 68 16.33 4.32 -21.99
C THR A 68 15.52 3.25 -21.26
N THR A 69 16.21 2.18 -20.87
CA THR A 69 15.55 1.12 -20.10
C THR A 69 16.43 0.61 -18.97
N VAL A 70 15.82 0.32 -17.83
CA VAL A 70 16.50 -0.42 -16.77
C VAL A 70 15.75 -1.73 -16.58
N THR A 71 16.48 -2.76 -16.14
CA THR A 71 15.93 -4.11 -16.03
C THR A 71 16.31 -4.78 -14.72
N LEU A 72 15.29 -5.30 -14.04
CA LEU A 72 15.50 -6.17 -12.90
C LEU A 72 15.44 -7.60 -13.43
N THR A 73 16.54 -8.33 -13.27
CA THR A 73 16.59 -9.71 -13.71
C THR A 73 16.62 -10.63 -12.50
N ILE A 74 15.69 -11.56 -12.47
CA ILE A 74 15.60 -12.50 -11.36
C ILE A 74 15.89 -13.89 -11.90
N SER A 75 17.08 -14.39 -11.57
CA SER A 75 17.52 -15.71 -12.04
C SER A 75 16.96 -16.80 -11.15
N GLY A 76 16.63 -17.95 -11.73
CA GLY A 76 16.13 -19.06 -10.95
C GLY A 76 14.95 -18.64 -10.07
N VAL A 77 13.93 -18.09 -10.73
CA VAL A 77 12.73 -17.66 -10.03
C VAL A 77 12.15 -18.76 -9.14
N GLN A 78 11.90 -18.42 -7.88
CA GLN A 78 11.26 -19.32 -6.94
C GLN A 78 9.84 -18.85 -6.64
N ALA A 79 8.97 -19.77 -6.23
CA ALA A 79 7.57 -19.45 -5.95
C ALA A 79 7.43 -18.22 -5.07
N GLU A 80 8.28 -18.12 -4.05
CA GLU A 80 8.18 -17.01 -3.10
C GLU A 80 8.59 -15.66 -3.69
N ASP A 81 9.06 -15.68 -4.93
CA ASP A 81 9.39 -14.43 -5.62
C ASP A 81 8.16 -13.78 -6.23
N GLU A 82 7.03 -14.47 -6.21
CA GLU A 82 5.80 -13.87 -6.70
C GLU A 82 5.55 -12.61 -5.89
N ALA A 83 5.45 -11.48 -6.57
CA ALA A 83 5.35 -10.17 -5.91
C ALA A 83 5.13 -9.08 -6.94
N ASP A 84 4.82 -7.89 -6.46
CA ASP A 84 4.84 -6.71 -7.32
C ASP A 84 6.23 -6.09 -7.26
N TYR A 85 6.72 -5.66 -8.40
CA TYR A 85 8.05 -5.04 -8.50
C TYR A 85 7.91 -3.64 -9.04
N TYR A 86 8.50 -2.68 -8.33
CA TYR A 86 8.43 -1.30 -8.76
C TYR A 86 9.80 -0.74 -9.05
N CYS A 87 9.84 0.18 -10.00
CA CYS A 87 11.06 0.91 -10.33
C CYS A 87 10.86 2.40 -10.05
N GLN A 88 11.90 3.06 -9.53
CA GLN A 88 11.90 4.50 -9.29
C GLN A 88 13.14 5.15 -9.86
N SER A 89 13.01 6.37 -10.35
CA SER A 89 14.18 7.14 -10.79
C SER A 89 13.88 8.62 -10.55
N ALA A 90 14.49 9.48 -11.37
CA ALA A 90 14.19 10.91 -11.35
C ALA A 90 14.06 11.41 -12.78
N ASP A 91 13.50 12.61 -12.94
CA ASP A 91 13.33 13.19 -14.27
C ASP A 91 14.67 13.64 -14.87
N SER A 92 14.64 14.04 -16.14
CA SER A 92 15.86 14.41 -16.86
C SER A 92 16.71 15.41 -16.09
N SER A 93 16.06 16.35 -15.43
CA SER A 93 16.76 17.34 -14.64
C SER A 93 17.40 16.73 -13.40
N GLY A 94 16.66 15.86 -12.72
CA GLY A 94 17.10 15.30 -11.47
C GLY A 94 16.45 16.09 -10.34
N THR A 95 15.33 16.73 -10.67
CA THR A 95 14.63 17.59 -9.72
C THR A 95 13.45 16.90 -9.02
N TYR A 96 12.86 15.89 -9.65
CA TYR A 96 11.76 15.19 -8.98
C TYR A 96 11.74 13.69 -9.31
N VAL A 97 11.10 12.91 -8.45
CA VAL A 97 11.06 11.46 -8.63
C VAL A 97 9.99 11.01 -9.62
N VAL A 98 10.33 9.97 -10.38
CA VAL A 98 9.42 9.34 -11.32
C VAL A 98 9.37 7.85 -11.02
N PHE A 99 8.26 7.20 -11.37
N PHE A 99 8.30 7.20 -11.46
CA PHE A 99 8.12 5.77 -11.11
CA PHE A 99 8.11 5.78 -11.20
C PHE A 99 7.15 5.06 -12.07
C PHE A 99 7.39 5.09 -12.34
N GLY A 100 7.39 3.76 -12.28
CA GLY A 100 6.56 2.95 -13.15
C GLY A 100 5.33 2.53 -12.39
N GLY A 101 4.32 2.02 -13.10
CA GLY A 101 3.06 1.62 -12.50
C GLY A 101 3.12 0.33 -11.71
N GLY A 102 4.25 -0.38 -11.80
CA GLY A 102 4.41 -1.66 -11.14
C GLY A 102 4.18 -2.84 -12.07
N THR A 103 4.96 -3.89 -11.89
CA THR A 103 4.78 -5.15 -12.62
C THR A 103 4.41 -6.27 -11.65
N LYS A 104 3.32 -7.00 -11.92
CA LYS A 104 3.02 -8.19 -11.14
C LYS A 104 3.77 -9.36 -11.75
N LEU A 105 4.65 -9.97 -10.96
CA LEU A 105 5.34 -11.20 -11.37
C LEU A 105 4.56 -12.41 -10.87
N THR A 106 4.01 -13.18 -11.80
CA THR A 106 3.33 -14.43 -11.44
C THR A 106 4.25 -15.62 -11.66
N VAL A 107 4.38 -16.49 -10.65
CA VAL A 107 5.22 -17.67 -10.81
C VAL A 107 4.33 -18.88 -11.12
N LEU A 108 4.60 -19.48 -12.28
CA LEU A 108 3.92 -20.64 -12.87
C LEU A 108 3.15 -20.30 -14.15
N GLU B 3 15.40 -7.80 13.97
CA GLU B 3 14.26 -6.87 14.06
C GLU B 3 14.68 -5.48 14.54
N LEU B 4 14.11 -4.44 13.93
CA LEU B 4 14.45 -3.05 14.26
C LEU B 4 13.30 -2.36 14.97
N MET B 5 13.63 -1.54 15.96
CA MET B 5 12.61 -0.86 16.76
C MET B 5 12.41 0.58 16.32
N GLN B 6 11.16 0.91 16.02
CA GLN B 6 10.81 2.18 15.42
C GLN B 6 9.50 2.60 16.07
N PRO B 7 9.32 3.91 16.34
CA PRO B 7 8.03 4.30 16.92
C PRO B 7 6.87 4.19 15.93
N PRO B 8 5.68 3.80 16.42
CA PRO B 8 4.51 3.62 15.55
C PRO B 8 4.12 4.91 14.86
N SER B 9 4.22 6.04 15.56
CA SER B 9 3.88 7.31 14.94
C SER B 9 4.64 8.49 15.52
N VAL B 10 4.80 9.49 14.67
CA VAL B 10 5.38 10.78 15.03
C VAL B 10 4.47 11.84 14.43
N SER B 11 4.14 12.86 15.20
CA SER B 11 3.25 13.89 14.69
C SER B 11 3.83 15.24 15.03
N VAL B 12 3.82 16.15 14.06
CA VAL B 12 4.31 17.50 14.28
C VAL B 12 3.42 18.48 13.51
N SER B 13 3.39 19.74 13.95
CA SER B 13 2.67 20.76 13.20
C SER B 13 3.51 21.22 12.00
N PRO B 14 2.85 21.86 11.03
CA PRO B 14 3.55 22.20 9.78
C PRO B 14 4.80 23.02 10.01
N GLY B 15 5.86 22.73 9.25
CA GLY B 15 7.13 23.43 9.36
C GLY B 15 8.04 23.03 10.51
N GLN B 16 7.56 22.19 11.41
CA GLN B 16 8.43 21.64 12.43
C GLN B 16 9.32 20.58 11.78
N THR B 17 10.33 20.15 12.51
CA THR B 17 11.19 19.05 12.08
C THR B 17 10.75 17.76 12.75
N ALA B 18 10.71 16.68 11.97
CA ALA B 18 10.40 15.37 12.54
C ALA B 18 11.63 14.49 12.50
N ARG B 19 11.86 13.78 13.59
CA ARG B 19 12.97 12.84 13.67
C ARG B 19 12.39 11.45 13.88
N ILE B 20 12.81 10.52 13.04
CA ILE B 20 12.31 9.16 13.14
C ILE B 20 13.49 8.21 13.35
N THR B 21 13.53 7.54 14.50
CA THR B 21 14.67 6.71 14.84
C THR B 21 14.38 5.22 14.82
N CYS B 22 15.31 4.46 14.26
N CYS B 22 15.36 4.46 14.36
CA CYS B 22 15.24 3.01 14.33
CA CYS B 22 15.29 3.01 14.23
C CYS B 22 16.39 2.52 15.18
C CYS B 22 16.44 2.34 15.00
N SER B 23 16.13 1.52 16.00
CA SER B 23 17.17 0.90 16.82
C SER B 23 17.34 -0.58 16.53
N GLY B 24 18.56 -1.07 16.64
CA GLY B 24 18.83 -2.47 16.39
C GLY B 24 20.29 -2.83 16.64
N ASP B 25 20.51 -4.03 17.16
CA ASP B 25 21.86 -4.48 17.55
C ASP B 25 22.86 -4.48 16.41
N ALA B 26 22.38 -4.69 15.19
CA ALA B 26 23.27 -4.83 14.03
C ALA B 26 23.51 -3.52 13.29
N LEU B 27 22.80 -2.46 13.67
CA LEU B 27 22.99 -1.19 12.97
C LEU B 27 24.43 -0.63 13.02
N PRO B 28 25.16 -0.91 14.11
CA PRO B 28 26.53 -0.36 14.10
C PRO B 28 27.37 -0.87 12.93
N LYS B 29 27.04 -2.04 12.39
CA LYS B 29 27.83 -2.67 11.35
C LYS B 29 27.08 -2.89 10.03
N GLN B 30 25.81 -2.50 9.99
CA GLN B 30 25.00 -2.67 8.78
C GLN B 30 24.38 -1.35 8.34
N TYR B 31 24.42 -1.05 7.04
CA TYR B 31 23.77 0.13 6.50
C TYR B 31 22.25 0.09 6.65
N ALA B 32 21.65 1.28 6.78
CA ALA B 32 20.21 1.39 6.77
C ALA B 32 19.76 2.09 5.50
N TYR B 33 18.51 1.83 5.12
CA TYR B 33 17.87 2.47 3.97
C TYR B 33 16.51 2.97 4.47
N TRP B 34 16.11 4.16 4.05
CA TRP B 34 14.82 4.72 4.50
C TRP B 34 13.93 4.94 3.30
N TYR B 35 12.69 4.43 3.35
CA TYR B 35 11.78 4.73 2.25
C TYR B 35 10.44 5.23 2.77
N GLN B 36 9.77 5.94 1.89
CA GLN B 36 8.45 6.50 2.16
C GLN B 36 7.39 5.60 1.53
N GLN B 37 6.44 5.16 2.33
CA GLN B 37 5.37 4.27 1.90
C GLN B 37 4.04 5.03 1.91
N LYS B 38 3.38 5.07 0.75
CA LYS B 38 2.02 5.58 0.63
C LYS B 38 1.21 4.56 -0.15
N PRO B 39 -0.09 4.42 0.17
CA PRO B 39 -0.91 3.47 -0.60
C PRO B 39 -0.95 3.85 -2.08
N GLY B 40 -0.89 2.85 -2.94
CA GLY B 40 -1.14 3.04 -4.35
C GLY B 40 0.03 3.51 -5.21
N GLN B 41 1.20 3.67 -4.61
CA GLN B 41 2.37 4.09 -5.38
C GLN B 41 3.60 3.30 -4.97
N ALA B 42 4.57 3.25 -5.88
CA ALA B 42 5.84 2.65 -5.55
C ALA B 42 6.41 3.23 -4.26
N PRO B 43 7.14 2.41 -3.50
CA PRO B 43 7.90 3.01 -2.40
C PRO B 43 8.86 4.09 -2.95
N VAL B 44 9.17 5.08 -2.13
CA VAL B 44 10.10 6.13 -2.54
C VAL B 44 11.30 6.15 -1.61
N LEU B 45 12.46 5.78 -2.13
CA LEU B 45 13.69 5.75 -1.35
C LEU B 45 14.14 7.17 -1.07
N VAL B 46 14.23 7.53 0.20
CA VAL B 46 14.64 8.90 0.56
C VAL B 46 16.10 8.96 1.02
N ILE B 47 16.59 7.86 1.60
CA ILE B 47 17.99 7.75 2.03
C ILE B 47 18.52 6.33 1.84
N TYR B 48 19.73 6.19 1.30
CA TYR B 48 20.38 4.89 1.24
C TYR B 48 21.77 4.92 1.91
N LYS B 49 22.23 3.75 2.36
CA LYS B 49 23.53 3.66 3.03
C LYS B 49 23.69 4.75 4.10
N ASP B 50 22.69 4.84 4.98
CA ASP B 50 22.69 5.71 6.17
C ASP B 50 22.40 7.18 5.93
N SER B 51 22.99 7.76 4.90
CA SER B 51 23.01 9.21 4.78
C SER B 51 22.95 9.77 3.36
N GLU B 52 22.94 8.89 2.37
CA GLU B 52 22.93 9.32 0.97
C GLU B 52 21.51 9.54 0.46
N ARG B 53 21.33 10.60 -0.32
CA ARG B 53 20.02 10.99 -0.81
C ARG B 53 19.91 10.78 -2.30
N PRO B 54 18.92 9.99 -2.76
CA PRO B 54 18.67 9.82 -4.20
C PRO B 54 18.30 11.13 -4.88
N SER B 55 18.51 11.20 -6.19
N SER B 55 18.51 11.20 -6.19
CA SER B 55 18.07 12.35 -6.97
CA SER B 55 18.07 12.36 -6.97
C SER B 55 16.55 12.49 -6.88
C SER B 55 16.55 12.48 -6.89
N GLY B 56 16.07 13.72 -6.82
CA GLY B 56 14.64 13.97 -6.77
C GLY B 56 14.08 14.11 -5.35
N ILE B 57 14.90 13.75 -4.37
CA ILE B 57 14.50 13.83 -2.95
C ILE B 57 14.91 15.18 -2.36
N PRO B 58 13.94 15.93 -1.82
CA PRO B 58 14.24 17.24 -1.24
C PRO B 58 15.36 17.19 -0.20
N GLU B 59 16.11 18.28 -0.12
CA GLU B 59 17.23 18.37 0.82
C GLU B 59 16.81 18.32 2.28
N ARG B 60 15.54 18.60 2.53
N ARG B 60 15.55 18.61 2.56
CA ARG B 60 15.00 18.60 3.89
CA ARG B 60 15.10 18.60 3.95
C ARG B 60 15.05 17.20 4.50
C ARG B 60 14.97 17.19 4.51
N PHE B 61 15.15 16.18 3.66
CA PHE B 61 15.29 14.81 4.13
C PHE B 61 16.76 14.49 4.37
N SER B 62 17.11 14.09 5.59
CA SER B 62 18.49 13.71 5.84
C SER B 62 18.58 12.50 6.76
N GLY B 63 19.71 11.79 6.65
CA GLY B 63 19.89 10.55 7.39
C GLY B 63 21.17 10.57 8.19
N SER B 64 21.12 9.99 9.39
CA SER B 64 22.30 9.90 10.22
C SER B 64 22.34 8.57 10.95
N SER B 65 23.51 8.20 11.46
CA SER B 65 23.65 6.95 12.17
C SER B 65 24.55 7.11 13.38
N SER B 66 24.23 6.39 14.45
CA SER B 66 25.01 6.47 15.67
C SER B 66 24.87 5.20 16.50
N GLY B 67 25.86 4.32 16.40
CA GLY B 67 25.82 3.08 17.16
C GLY B 67 24.60 2.29 16.78
N THR B 68 23.77 1.94 17.76
CA THR B 68 22.63 1.06 17.51
C THR B 68 21.38 1.82 17.02
N THR B 69 21.56 3.03 16.50
CA THR B 69 20.43 3.76 15.94
C THR B 69 20.75 4.38 14.61
N VAL B 70 19.71 4.54 13.80
CA VAL B 70 19.78 5.37 12.61
C VAL B 70 18.59 6.27 12.64
N THR B 71 18.72 7.45 12.04
CA THR B 71 17.68 8.46 12.17
C THR B 71 17.43 9.18 10.86
N LEU B 72 16.16 9.22 10.48
CA LEU B 72 15.71 10.04 9.37
C LEU B 72 15.19 11.34 9.95
N THR B 73 15.80 12.45 9.55
CA THR B 73 15.32 13.77 9.94
C THR B 73 14.65 14.45 8.76
N ILE B 74 13.47 15.03 9.00
CA ILE B 74 12.73 15.75 7.98
C ILE B 74 12.51 17.18 8.48
N SER B 75 13.28 18.11 7.95
CA SER B 75 13.16 19.52 8.35
C SER B 75 11.96 20.14 7.62
N GLY B 76 11.34 21.13 8.25
CA GLY B 76 10.26 21.85 7.60
C GLY B 76 9.23 20.92 7.00
N VAL B 77 8.60 20.12 7.86
CA VAL B 77 7.65 19.11 7.41
C VAL B 77 6.46 19.70 6.67
N GLN B 78 6.17 19.13 5.49
CA GLN B 78 5.06 19.57 4.65
C GLN B 78 3.96 18.51 4.63
N ALA B 79 2.78 18.88 4.17
CA ALA B 79 1.64 17.96 4.14
C ALA B 79 1.91 16.72 3.29
N GLU B 80 2.65 16.88 2.19
CA GLU B 80 2.90 15.73 1.33
C GLU B 80 3.89 14.77 1.96
N ASP B 81 4.47 15.16 3.09
CA ASP B 81 5.40 14.31 3.81
C ASP B 81 4.62 13.27 4.62
N GLU B 82 3.34 13.52 4.81
CA GLU B 82 2.48 12.56 5.51
C GLU B 82 2.52 11.22 4.81
N ALA B 83 3.12 10.24 5.47
CA ALA B 83 3.33 8.90 4.91
C ALA B 83 3.85 8.01 6.02
N ASP B 84 4.09 6.74 5.71
CA ASP B 84 4.80 5.85 6.61
C ASP B 84 6.25 5.80 6.18
N TYR B 85 7.17 5.79 7.15
CA TYR B 85 8.58 5.69 6.87
C TYR B 85 9.13 4.43 7.47
N TYR B 86 9.76 3.61 6.63
CA TYR B 86 10.35 2.36 7.09
C TYR B 86 11.85 2.39 6.99
N CYS B 87 12.51 1.85 8.01
N CYS B 87 12.52 1.80 7.98
CA CYS B 87 13.94 1.62 7.90
CA CYS B 87 13.97 1.61 7.93
C CYS B 87 14.16 0.16 7.50
C CYS B 87 14.31 0.15 7.63
N GLN B 88 15.13 -0.08 6.60
CA GLN B 88 15.51 -1.43 6.20
C GLN B 88 16.99 -1.58 6.48
N SER B 89 17.38 -2.75 6.99
CA SER B 89 18.81 -3.04 7.15
C SER B 89 19.04 -4.53 6.95
N ALA B 90 20.07 -5.06 7.58
CA ALA B 90 20.34 -6.50 7.57
C ALA B 90 20.80 -6.96 8.94
N ASP B 91 20.69 -8.26 9.20
CA ASP B 91 21.16 -8.79 10.48
C ASP B 91 22.68 -8.59 10.63
N SER B 92 23.22 -8.95 11.78
CA SER B 92 24.66 -8.78 12.01
C SER B 92 25.51 -9.45 10.94
N SER B 93 25.07 -10.61 10.46
CA SER B 93 25.84 -11.38 9.48
C SER B 93 25.74 -10.83 8.06
N GLY B 94 24.75 -10.01 7.79
CA GLY B 94 24.55 -9.47 6.46
C GLY B 94 23.93 -10.50 5.54
N THR B 95 23.25 -11.47 6.13
CA THR B 95 22.67 -12.58 5.37
C THR B 95 21.23 -12.30 4.95
N TYR B 96 20.47 -11.66 5.84
CA TYR B 96 19.07 -11.41 5.55
C TYR B 96 18.58 -10.01 5.92
N VAL B 97 17.55 -9.55 5.20
CA VAL B 97 17.01 -8.22 5.41
C VAL B 97 16.16 -8.14 6.67
N VAL B 98 16.26 -7.01 7.34
CA VAL B 98 15.48 -6.76 8.56
C VAL B 98 14.80 -5.39 8.41
N PHE B 99 13.64 -5.24 9.03
CA PHE B 99 12.87 -3.99 8.93
C PHE B 99 12.43 -3.51 10.29
N GLY B 100 12.14 -2.22 10.39
CA GLY B 100 11.38 -1.68 11.51
C GLY B 100 9.90 -1.84 11.21
N GLY B 101 9.05 -1.61 12.20
CA GLY B 101 7.60 -1.73 12.02
C GLY B 101 6.96 -0.64 11.18
N GLY B 102 7.74 0.38 10.81
CA GLY B 102 7.23 1.53 10.10
C GLY B 102 6.77 2.62 11.06
N THR B 103 6.99 3.87 10.70
CA THR B 103 6.51 5.00 11.51
C THR B 103 5.57 5.86 10.68
N LYS B 104 4.37 6.09 11.19
N LYS B 104 4.36 6.09 11.17
CA LYS B 104 3.41 6.96 10.52
CA LYS B 104 3.41 6.95 10.47
C LYS B 104 3.68 8.41 10.90
C LYS B 104 3.64 8.40 10.87
N LEU B 105 3.93 9.26 9.90
CA LEU B 105 4.15 10.67 10.14
C LEU B 105 2.88 11.44 9.85
N VAL B 106 2.34 12.10 10.86
CA VAL B 106 1.17 12.95 10.72
C VAL B 106 1.55 14.42 10.85
N VAL B 107 0.96 15.25 10.02
CA VAL B 107 1.20 16.69 10.06
C VAL B 107 -0.05 17.35 10.65
N LEU B 108 0.05 17.80 11.90
CA LEU B 108 -1.05 18.47 12.60
C LEU B 108 -1.19 19.95 12.21
N TYR C 2 -3.64 -15.45 -4.53
CA TYR C 2 -4.96 -14.86 -4.79
C TYR C 2 -5.97 -15.93 -5.19
N GLU C 3 -6.94 -16.17 -4.32
CA GLU C 3 -7.98 -17.17 -4.59
C GLU C 3 -9.11 -16.65 -5.48
N LEU C 4 -9.08 -15.36 -5.81
CA LEU C 4 -9.94 -14.85 -6.87
C LEU C 4 -9.04 -14.50 -8.02
N MET C 5 -9.50 -14.73 -9.25
CA MET C 5 -8.68 -14.34 -10.38
C MET C 5 -9.23 -13.15 -11.14
N GLN C 6 -8.32 -12.25 -11.41
CA GLN C 6 -8.62 -10.92 -11.89
C GLN C 6 -7.53 -10.59 -12.89
N PRO C 7 -7.91 -10.02 -14.03
CA PRO C 7 -6.91 -9.58 -15.02
C PRO C 7 -6.03 -8.49 -14.45
N PRO C 8 -4.71 -8.55 -14.71
CA PRO C 8 -3.86 -7.52 -14.11
C PRO C 8 -4.09 -6.14 -14.73
N SER C 9 -4.61 -6.11 -15.95
N SER C 9 -4.63 -6.10 -15.94
CA SER C 9 -4.73 -4.85 -16.68
CA SER C 9 -4.77 -4.83 -16.64
C SER C 9 -5.99 -4.75 -17.55
C SER C 9 -6.02 -4.76 -17.50
N VAL C 10 -6.64 -3.59 -17.50
CA VAL C 10 -7.74 -3.28 -18.41
C VAL C 10 -7.49 -1.84 -18.88
N SER C 11 -7.67 -1.58 -20.18
CA SER C 11 -7.48 -0.21 -20.69
C SER C 11 -8.63 0.23 -21.56
N VAL C 12 -9.06 1.48 -21.38
CA VAL C 12 -10.06 2.03 -22.29
C VAL C 12 -9.76 3.50 -22.55
N SER C 13 -10.29 4.05 -23.65
CA SER C 13 -10.20 5.48 -23.82
C SER C 13 -11.32 6.17 -23.03
N PRO C 14 -11.16 7.47 -22.75
CA PRO C 14 -12.12 8.26 -21.97
C PRO C 14 -13.50 8.20 -22.58
N GLY C 15 -14.53 8.06 -21.75
CA GLY C 15 -15.90 8.01 -22.22
C GLY C 15 -16.41 6.60 -22.47
N GLN C 16 -15.48 5.65 -22.60
CA GLN C 16 -15.87 4.27 -22.76
C GLN C 16 -16.37 3.67 -21.44
N THR C 17 -16.83 2.43 -21.50
CA THR C 17 -17.21 1.70 -20.31
C THR C 17 -16.18 0.63 -20.06
N ALA C 18 -15.66 0.56 -18.85
CA ALA C 18 -14.69 -0.47 -18.53
C ALA C 18 -15.37 -1.52 -17.66
N ARG C 19 -15.01 -2.77 -17.89
CA ARG C 19 -15.52 -3.88 -17.10
C ARG C 19 -14.34 -4.63 -16.50
N ILE C 20 -14.34 -4.72 -15.18
CA ILE C 20 -13.27 -5.37 -14.45
C ILE C 20 -13.87 -6.56 -13.73
N THR C 21 -13.38 -7.76 -14.00
CA THR C 21 -14.02 -8.97 -13.49
C THR C 21 -13.14 -9.81 -12.55
N CYS C 22 -13.78 -10.36 -11.53
N CYS C 22 -13.81 -10.41 -11.57
CA CYS C 22 -13.12 -11.29 -10.65
CA CYS C 22 -13.17 -11.26 -10.58
C CYS C 22 -13.88 -12.61 -10.68
C CYS C 22 -13.89 -12.61 -10.61
N SER C 23 -13.14 -13.71 -10.65
CA SER C 23 -13.75 -15.02 -10.74
C SER C 23 -13.27 -15.95 -9.62
N GLY C 24 -14.20 -16.77 -9.14
CA GLY C 24 -13.92 -17.62 -8.00
C GLY C 24 -15.09 -18.55 -7.77
N ASP C 25 -14.80 -19.75 -7.29
CA ASP C 25 -15.84 -20.77 -7.14
C ASP C 25 -16.84 -20.43 -6.06
N ALA C 26 -16.40 -19.66 -5.05
CA ALA C 26 -17.24 -19.31 -3.92
C ALA C 26 -18.04 -18.02 -4.08
N LEU C 27 -17.82 -17.30 -5.18
CA LEU C 27 -18.55 -16.04 -5.42
C LEU C 27 -20.08 -16.14 -5.46
N PRO C 28 -20.64 -17.26 -5.97
CA PRO C 28 -22.10 -17.29 -6.05
C PRO C 28 -22.82 -17.04 -4.70
N LYS C 29 -22.33 -17.66 -3.62
CA LYS C 29 -23.04 -17.49 -2.34
C LYS C 29 -22.25 -16.66 -1.33
N GLN C 30 -21.29 -15.87 -1.83
CA GLN C 30 -20.54 -14.97 -0.97
C GLN C 30 -20.48 -13.58 -1.58
N TYR C 31 -20.83 -12.56 -0.79
CA TYR C 31 -20.80 -11.18 -1.26
C TYR C 31 -19.40 -10.77 -1.68
N ALA C 32 -19.32 -9.86 -2.66
CA ALA C 32 -18.04 -9.27 -3.03
C ALA C 32 -18.02 -7.79 -2.68
N TYR C 33 -16.80 -7.27 -2.52
CA TYR C 33 -16.60 -5.87 -2.20
C TYR C 33 -15.49 -5.35 -3.12
N TRP C 34 -15.66 -4.12 -3.60
CA TRP C 34 -14.74 -3.52 -4.58
C TRP C 34 -14.10 -2.25 -4.04
N TYR C 35 -12.78 -2.11 -4.27
CA TYR C 35 -12.04 -0.92 -3.86
C TYR C 35 -11.35 -0.28 -5.04
N GLN C 36 -11.23 1.04 -4.95
CA GLN C 36 -10.43 1.84 -5.86
C GLN C 36 -9.20 2.34 -5.11
N GLN C 37 -8.04 2.18 -5.72
CA GLN C 37 -6.78 2.65 -5.14
C GLN C 37 -6.04 3.59 -6.10
N LYS C 38 -5.90 4.85 -5.71
CA LYS C 38 -5.12 5.82 -6.50
C LYS C 38 -3.77 6.09 -5.83
N PRO C 39 -2.81 6.62 -6.58
CA PRO C 39 -1.48 6.79 -5.99
C PRO C 39 -1.46 7.83 -4.88
N GLY C 40 -0.97 7.42 -3.71
CA GLY C 40 -0.76 8.34 -2.60
C GLY C 40 -2.03 8.78 -1.88
N GLN C 41 -3.11 8.02 -2.05
CA GLN C 41 -4.38 8.33 -1.40
C GLN C 41 -4.91 7.11 -0.67
N ALA C 42 -5.79 7.33 0.30
CA ALA C 42 -6.45 6.23 1.00
C ALA C 42 -7.31 5.45 0.00
N PRO C 43 -7.34 4.12 0.14
CA PRO C 43 -8.23 3.29 -0.68
C PRO C 43 -9.67 3.74 -0.49
N VAL C 44 -10.52 3.48 -1.49
CA VAL C 44 -11.93 3.84 -1.42
C VAL C 44 -12.81 2.63 -1.65
N LEU C 45 -13.72 2.36 -0.71
CA LEU C 45 -14.72 1.31 -0.92
C LEU C 45 -15.74 1.84 -1.91
N VAL C 46 -15.83 1.21 -3.08
CA VAL C 46 -16.77 1.69 -4.09
C VAL C 46 -18.05 0.86 -4.20
N ILE C 47 -17.95 -0.43 -3.89
CA ILE C 47 -19.13 -1.30 -3.89
C ILE C 47 -19.06 -2.26 -2.71
N TYR C 48 -20.18 -2.47 -2.02
CA TYR C 48 -20.25 -3.53 -1.04
C TYR C 48 -21.47 -4.41 -1.30
N LYS C 49 -21.43 -5.64 -0.79
CA LYS C 49 -22.53 -6.59 -0.99
C LYS C 49 -22.90 -6.73 -2.48
N ASP C 50 -21.88 -6.90 -3.31
CA ASP C 50 -22.06 -7.16 -4.74
C ASP C 50 -22.40 -5.91 -5.55
N SER C 51 -23.31 -5.09 -5.04
CA SER C 51 -23.86 -4.05 -5.92
C SER C 51 -24.24 -2.74 -5.25
N GLU C 52 -24.04 -2.63 -3.94
CA GLU C 52 -24.41 -1.41 -3.23
C GLU C 52 -23.29 -0.38 -3.18
N ARG C 53 -23.64 0.88 -3.38
N ARG C 53 -23.65 0.88 -3.41
CA ARG C 53 -22.66 1.96 -3.38
CA ARG C 53 -22.69 1.97 -3.35
C ARG C 53 -22.73 2.79 -2.11
C ARG C 53 -22.77 2.66 -2.01
N PRO C 54 -21.62 2.89 -1.37
CA PRO C 54 -21.62 3.76 -0.20
C PRO C 54 -21.97 5.18 -0.64
N SER C 55 -22.51 5.97 0.27
CA SER C 55 -22.81 7.36 -0.01
C SER C 55 -21.55 8.06 -0.53
N GLY C 56 -21.69 8.84 -1.60
CA GLY C 56 -20.57 9.57 -2.17
C GLY C 56 -19.93 8.92 -3.40
N ILE C 57 -20.23 7.65 -3.64
CA ILE C 57 -19.74 6.99 -4.84
C ILE C 57 -20.69 7.29 -6.02
N PRO C 58 -20.14 7.83 -7.12
CA PRO C 58 -20.91 8.15 -8.33
C PRO C 58 -21.65 6.93 -8.91
N GLU C 59 -22.83 7.19 -9.48
CA GLU C 59 -23.67 6.11 -9.98
C GLU C 59 -23.01 5.41 -11.17
N ARG C 60 -22.01 6.05 -11.77
CA ARG C 60 -21.33 5.44 -12.91
C ARG C 60 -20.53 4.20 -12.52
N PHE C 61 -20.27 4.02 -11.22
CA PHE C 61 -19.66 2.78 -10.73
C PHE C 61 -20.76 1.85 -10.33
N SER C 62 -20.74 0.63 -10.86
CA SER C 62 -21.78 -0.32 -10.52
C SER C 62 -21.22 -1.72 -10.43
N GLY C 63 -21.78 -2.52 -9.53
CA GLY C 63 -21.32 -3.87 -9.36
C GLY C 63 -22.38 -4.87 -9.74
N SER C 64 -21.96 -6.00 -10.28
CA SER C 64 -22.88 -7.08 -10.62
C SER C 64 -22.27 -8.44 -10.34
N SER C 65 -23.10 -9.47 -10.41
CA SER C 65 -22.67 -10.79 -10.03
C SER C 65 -23.30 -11.84 -10.94
N SER C 66 -22.45 -12.56 -11.67
CA SER C 66 -22.93 -13.61 -12.58
C SER C 66 -22.16 -14.92 -12.40
N GLY C 67 -22.84 -15.93 -11.86
CA GLY C 67 -22.22 -17.23 -11.70
C GLY C 67 -21.01 -17.17 -10.80
N THR C 68 -19.87 -17.63 -11.31
CA THR C 68 -18.62 -17.60 -10.55
C THR C 68 -17.81 -16.35 -10.88
N THR C 69 -18.48 -15.29 -11.30
CA THR C 69 -17.77 -14.04 -11.57
C THR C 69 -18.51 -12.83 -11.01
N VAL C 70 -17.75 -11.84 -10.52
CA VAL C 70 -18.34 -10.54 -10.20
C VAL C 70 -17.67 -9.49 -11.08
N THR C 71 -18.39 -8.41 -11.36
CA THR C 71 -17.91 -7.40 -12.29
C THR C 71 -18.15 -5.99 -11.77
N LEU C 72 -17.08 -5.20 -11.77
CA LEU C 72 -17.20 -3.78 -11.50
C LEU C 72 -17.28 -3.10 -12.85
N THR C 73 -18.37 -2.40 -13.10
CA THR C 73 -18.55 -1.72 -14.37
C THR C 73 -18.47 -0.23 -14.16
N ILE C 74 -17.60 0.42 -14.92
CA ILE C 74 -17.44 1.86 -14.81
C ILE C 74 -17.85 2.47 -16.13
N SER C 75 -18.99 3.17 -16.12
CA SER C 75 -19.52 3.83 -17.31
C SER C 75 -18.92 5.22 -17.43
N GLY C 76 -18.82 5.73 -18.66
CA GLY C 76 -18.32 7.07 -18.85
C GLY C 76 -17.00 7.27 -18.13
N VAL C 77 -16.07 6.35 -18.37
CA VAL C 77 -14.74 6.43 -17.78
C VAL C 77 -14.11 7.81 -17.96
N GLN C 78 -13.65 8.37 -16.85
CA GLN C 78 -12.90 9.62 -16.85
C GLN C 78 -11.42 9.37 -16.56
N ALA C 79 -10.56 10.27 -17.02
CA ALA C 79 -9.12 10.14 -16.79
C ALA C 79 -8.82 9.89 -15.30
N GLU C 80 -9.55 10.57 -14.42
CA GLU C 80 -9.30 10.44 -12.99
C GLU C 80 -9.75 9.08 -12.45
N ASP C 81 -10.35 8.24 -13.28
CA ASP C 81 -10.73 6.90 -12.85
C ASP C 81 -9.53 5.95 -12.95
N GLU C 82 -8.44 6.42 -13.55
CA GLU C 82 -7.23 5.63 -13.64
C GLU C 82 -6.81 5.26 -12.22
N ALA C 83 -6.69 3.96 -11.96
CA ALA C 83 -6.46 3.49 -10.60
C ALA C 83 -6.34 1.97 -10.60
N ASP C 84 -5.95 1.43 -9.45
CA ASP C 84 -6.00 -0.01 -9.25
C ASP C 84 -7.35 -0.36 -8.59
N TYR C 85 -7.95 -1.44 -9.04
CA TYR C 85 -9.25 -1.90 -8.54
C TYR C 85 -9.12 -3.31 -7.95
N TYR C 86 -9.58 -3.46 -6.71
CA TYR C 86 -9.46 -4.73 -6.04
C TYR C 86 -10.83 -5.30 -5.67
N CYS C 87 -10.93 -6.62 -5.72
CA CYS C 87 -12.15 -7.31 -5.31
C CYS C 87 -11.83 -8.19 -4.09
N GLN C 88 -12.79 -8.29 -3.18
CA GLN C 88 -12.67 -9.14 -2.00
C GLN C 88 -13.96 -9.90 -1.80
N SER C 89 -13.88 -11.10 -1.26
CA SER C 89 -15.07 -11.89 -0.97
C SER C 89 -14.70 -12.81 0.19
N ALA C 90 -15.35 -13.97 0.25
CA ALA C 90 -14.96 -15.00 1.21
C ALA C 90 -14.94 -16.37 0.51
N ASP C 91 -14.41 -17.37 1.20
CA ASP C 91 -14.37 -18.72 0.66
C ASP C 91 -15.78 -19.33 0.61
N SER C 92 -15.85 -20.57 0.13
CA SER C 92 -17.12 -21.26 -0.05
C SER C 92 -17.95 -21.30 1.23
N SER C 93 -17.31 -21.78 2.30
CA SER C 93 -17.97 -21.92 3.59
C SER C 93 -18.29 -20.56 4.23
N GLY C 94 -17.43 -19.57 3.98
CA GLY C 94 -17.61 -18.25 4.54
C GLY C 94 -16.78 -18.07 5.79
N THR C 95 -15.65 -18.77 5.84
CA THR C 95 -14.79 -18.75 7.03
C THR C 95 -13.60 -17.77 6.95
N TYR C 96 -13.08 -17.50 5.76
CA TYR C 96 -11.97 -16.54 5.64
C TYR C 96 -12.08 -15.68 4.38
N VAL C 97 -11.35 -14.58 4.34
CA VAL C 97 -11.43 -13.66 3.19
C VAL C 97 -10.51 -14.08 2.06
N VAL C 98 -10.99 -13.89 0.84
CA VAL C 98 -10.23 -14.15 -0.38
C VAL C 98 -10.23 -12.89 -1.24
N PHE C 99 -9.23 -12.76 -2.08
N PHE C 99 -9.19 -12.70 -2.04
CA PHE C 99 -9.09 -11.58 -2.92
CA PHE C 99 -9.11 -11.51 -2.88
C PHE C 99 -8.56 -11.91 -4.30
C PHE C 99 -8.29 -11.69 -4.16
N GLY C 100 -8.64 -10.93 -5.19
CA GLY C 100 -7.99 -10.99 -6.48
C GLY C 100 -6.68 -10.23 -6.39
N GLY C 101 -5.83 -10.37 -7.40
CA GLY C 101 -4.52 -9.73 -7.40
C GLY C 101 -4.53 -8.25 -7.72
N GLY C 102 -5.70 -7.73 -8.10
CA GLY C 102 -5.82 -6.33 -8.49
C GLY C 102 -5.76 -6.14 -10.00
N THR C 103 -6.55 -5.19 -10.50
CA THR C 103 -6.52 -4.79 -11.92
C THR C 103 -6.10 -3.32 -12.05
N LYS C 104 -5.08 -3.05 -12.88
CA LYS C 104 -4.75 -1.67 -13.20
C LYS C 104 -5.61 -1.20 -14.37
N LEU C 105 -6.41 -0.16 -14.14
CA LEU C 105 -7.20 0.46 -15.18
C LEU C 105 -6.42 1.61 -15.77
N THR C 106 -6.00 1.47 -17.03
CA THR C 106 -5.35 2.57 -17.74
C THR C 106 -6.38 3.30 -18.60
N VAL C 107 -6.42 4.62 -18.48
CA VAL C 107 -7.32 5.43 -19.30
C VAL C 107 -6.49 6.12 -20.36
N LEU C 108 -6.80 5.83 -21.62
CA LEU C 108 -6.03 6.32 -22.77
C LEU C 108 -6.57 7.65 -23.28
N GLU D 3 -13.60 16.50 6.74
N GLU D 3 -14.04 16.15 6.52
CA GLU D 3 -13.28 15.08 6.84
CA GLU D 3 -13.04 15.12 6.82
C GLU D 3 -13.24 14.56 8.27
C GLU D 3 -13.20 14.57 8.24
N LEU D 4 -12.57 13.43 8.48
CA LEU D 4 -12.72 12.70 9.75
C LEU D 4 -11.45 12.69 10.60
N MET D 5 -11.64 12.69 11.91
CA MET D 5 -10.52 12.73 12.84
C MET D 5 -10.32 11.39 13.55
N GLN D 6 -9.09 10.90 13.48
CA GLN D 6 -8.75 9.57 13.89
C GLN D 6 -7.36 9.67 14.48
N PRO D 7 -7.07 8.93 15.55
CA PRO D 7 -5.71 9.03 16.10
C PRO D 7 -4.70 8.36 15.16
N PRO D 8 -3.49 8.91 15.07
CA PRO D 8 -2.44 8.40 14.18
C PRO D 8 -2.10 6.95 14.50
N SER D 9 -2.08 6.63 15.79
CA SER D 9 -1.71 5.28 16.18
C SER D 9 -2.32 4.86 17.50
N VAL D 10 -2.52 3.56 17.60
CA VAL D 10 -2.98 2.90 18.82
C VAL D 10 -2.08 1.68 19.03
N SER D 11 -1.59 1.48 20.24
CA SER D 11 -0.73 0.34 20.50
C SER D 11 -1.23 -0.37 21.75
N VAL D 12 -1.28 -1.71 21.69
CA VAL D 12 -1.67 -2.50 22.86
C VAL D 12 -0.86 -3.79 22.90
N SER D 13 -0.71 -4.38 24.09
CA SER D 13 -0.07 -5.69 24.19
C SER D 13 -1.03 -6.78 23.69
N PRO D 14 -0.49 -7.94 23.29
CA PRO D 14 -1.30 -9.02 22.74
C PRO D 14 -2.44 -9.41 23.69
N GLY D 15 -3.61 -9.68 23.13
CA GLY D 15 -4.77 -10.07 23.92
C GLY D 15 -5.56 -8.92 24.51
N GLN D 16 -5.02 -7.71 24.46
CA GLN D 16 -5.79 -6.57 24.90
C GLN D 16 -6.82 -6.21 23.84
N THR D 17 -7.72 -5.31 24.21
CA THR D 17 -8.71 -4.77 23.29
C THR D 17 -8.26 -3.40 22.78
N ALA D 18 -8.34 -3.20 21.47
CA ALA D 18 -8.04 -1.91 20.88
C ALA D 18 -9.31 -1.20 20.41
N ARG D 19 -9.42 0.09 20.73
CA ARG D 19 -10.54 0.89 20.26
C ARG D 19 -10.00 1.99 19.36
N ILE D 20 -10.56 2.10 18.16
CA ILE D 20 -10.14 3.12 17.21
C ILE D 20 -11.35 3.99 16.87
N THR D 21 -11.28 5.27 17.22
CA THR D 21 -12.43 6.17 17.05
C THR D 21 -12.22 7.23 15.98
N CYS D 22 -13.26 7.44 15.17
N CYS D 22 -13.31 7.55 15.27
CA CYS D 22 -13.29 8.50 14.19
CA CYS D 22 -13.32 8.43 14.13
C CYS D 22 -14.36 9.48 14.59
C CYS D 22 -14.41 9.49 14.31
N SER D 23 -14.03 10.76 14.48
CA SER D 23 -14.99 11.81 14.76
C SER D 23 -15.25 12.66 13.51
N GLY D 24 -16.45 13.22 13.40
CA GLY D 24 -16.82 14.04 12.26
C GLY D 24 -18.24 14.57 12.41
N ASP D 25 -18.46 15.81 11.96
CA ASP D 25 -19.74 16.49 12.11
C ASP D 25 -20.91 15.77 11.43
N ALA D 26 -20.61 15.06 10.35
CA ALA D 26 -21.63 14.43 9.53
C ALA D 26 -21.92 12.99 9.94
N LEU D 27 -21.10 12.44 10.83
CA LEU D 27 -21.29 11.06 11.27
C LEU D 27 -22.66 10.76 11.89
N PRO D 28 -23.31 11.76 12.51
CA PRO D 28 -24.62 11.36 13.04
C PRO D 28 -25.61 10.97 11.95
N LYS D 29 -25.39 11.44 10.73
CA LYS D 29 -26.33 11.20 9.64
C LYS D 29 -25.74 10.39 8.47
N GLN D 30 -24.50 9.94 8.60
CA GLN D 30 -23.87 9.18 7.52
C GLN D 30 -23.23 7.91 8.04
N TYR D 31 -23.42 6.80 7.32
CA TYR D 31 -22.75 5.54 7.67
C TYR D 31 -21.23 5.64 7.56
N ALA D 32 -20.56 4.84 8.39
CA ALA D 32 -19.12 4.67 8.27
C ALA D 32 -18.78 3.25 7.84
N TYR D 33 -17.61 3.11 7.24
CA TYR D 33 -17.10 1.83 6.75
C TYR D 33 -15.68 1.75 7.28
N TRP D 34 -15.26 0.58 7.76
CA TRP D 34 -13.91 0.44 8.31
C TRP D 34 -13.17 -0.58 7.48
N TYR D 35 -11.98 -0.26 6.98
CA TYR D 35 -11.18 -1.28 6.33
C TYR D 35 -9.77 -1.35 6.91
N GLN D 36 -9.16 -2.50 6.69
CA GLN D 36 -7.80 -2.78 7.10
C GLN D 36 -6.89 -2.63 5.90
N GLN D 37 -5.83 -1.82 6.06
CA GLN D 37 -4.89 -1.54 4.98
C GLN D 37 -3.53 -2.12 5.34
N LYS D 38 -3.01 -2.97 4.46
CA LYS D 38 -1.64 -3.48 4.57
C LYS D 38 -0.97 -3.31 3.21
N PRO D 39 0.34 -3.05 3.20
CA PRO D 39 1.02 -2.98 1.91
C PRO D 39 0.87 -4.29 1.13
N GLY D 40 0.70 -4.19 -0.18
CA GLY D 40 0.81 -5.35 -1.05
C GLY D 40 -0.46 -6.15 -1.26
N GLN D 41 -1.55 -5.76 -0.62
CA GLN D 41 -2.78 -6.54 -0.72
C GLN D 41 -4.00 -5.64 -0.78
N ALA D 42 -5.08 -6.19 -1.32
CA ALA D 42 -6.36 -5.49 -1.32
C ALA D 42 -6.70 -4.99 0.08
N PRO D 43 -7.40 -3.85 0.15
CA PRO D 43 -7.99 -3.45 1.42
C PRO D 43 -8.95 -4.55 1.89
N VAL D 44 -9.09 -4.71 3.20
CA VAL D 44 -10.03 -5.70 3.74
C VAL D 44 -11.10 -4.96 4.53
N LEU D 45 -12.34 -5.01 4.04
CA LEU D 45 -13.44 -4.35 4.73
C LEU D 45 -13.77 -5.18 5.97
N VAL D 46 -13.68 -4.55 7.14
CA VAL D 46 -14.00 -5.28 8.38
C VAL D 46 -15.37 -4.93 8.95
N ILE D 47 -15.85 -3.72 8.66
CA ILE D 47 -17.19 -3.27 9.08
C ILE D 47 -17.83 -2.37 8.02
N TYR D 48 -19.10 -2.58 7.71
CA TYR D 48 -19.82 -1.64 6.83
C TYR D 48 -21.10 -1.15 7.50
N LYS D 49 -21.56 0.03 7.09
CA LYS D 49 -22.77 0.64 7.67
C LYS D 49 -22.73 0.60 9.20
N ASP D 50 -21.62 1.10 9.75
CA ASP D 50 -21.43 1.29 11.19
C ASP D 50 -21.12 0.04 12.01
N SER D 51 -21.84 -1.05 11.75
CA SER D 51 -21.79 -2.19 12.66
C SER D 51 -21.86 -3.57 12.01
N GLU D 52 -22.00 -3.63 10.69
CA GLU D 52 -22.14 -4.91 10.01
C GLU D 52 -20.80 -5.51 9.61
N ARG D 53 -20.64 -6.81 9.81
CA ARG D 53 -19.40 -7.52 9.52
C ARG D 53 -19.49 -8.42 8.26
N PRO D 54 -18.60 -8.22 7.29
CA PRO D 54 -18.53 -9.11 6.13
C PRO D 54 -18.16 -10.53 6.52
N SER D 55 -18.52 -11.50 5.67
N SER D 55 -18.52 -11.50 5.67
CA SER D 55 -18.10 -12.88 5.88
CA SER D 55 -18.10 -12.88 5.88
C SER D 55 -16.59 -12.99 5.81
C SER D 55 -16.59 -12.96 5.82
N GLY D 56 -16.02 -13.84 6.65
CA GLY D 56 -14.58 -14.03 6.68
C GLY D 56 -13.88 -13.14 7.70
N ILE D 57 -14.63 -12.26 8.33
CA ILE D 57 -14.07 -11.33 9.31
C ILE D 57 -14.32 -11.84 10.75
N PRO D 58 -13.26 -12.03 11.53
CA PRO D 58 -13.39 -12.60 12.88
C PRO D 58 -14.35 -11.80 13.75
N GLU D 59 -15.05 -12.49 14.65
CA GLU D 59 -16.06 -11.86 15.52
C GLU D 59 -15.46 -10.79 16.44
N ARG D 60 -14.15 -10.89 16.69
N ARG D 60 -14.14 -10.87 16.66
CA ARG D 60 -13.45 -9.95 17.53
CA ARG D 60 -13.46 -9.94 17.55
C ARG D 60 -13.62 -8.51 17.03
C ARG D 60 -13.43 -8.51 17.00
N PHE D 61 -13.77 -8.36 15.72
CA PHE D 61 -13.96 -7.02 15.15
C PHE D 61 -15.40 -6.58 15.30
N SER D 62 -15.63 -5.40 15.86
CA SER D 62 -16.98 -4.87 15.94
C SER D 62 -16.99 -3.37 15.77
N GLY D 63 -18.15 -2.85 15.35
CA GLY D 63 -18.27 -1.43 15.11
C GLY D 63 -19.43 -0.85 15.86
N SER D 64 -19.29 0.41 16.27
CA SER D 64 -20.39 1.10 16.92
C SER D 64 -20.41 2.56 16.52
N SER D 65 -21.55 3.21 16.70
CA SER D 65 -21.62 4.63 16.39
C SER D 65 -22.35 5.36 17.49
N SER D 66 -21.96 6.61 17.71
CA SER D 66 -22.62 7.44 18.71
C SER D 66 -22.38 8.91 18.40
N GLY D 67 -23.40 9.55 17.84
CA GLY D 67 -23.33 10.96 17.56
C GLY D 67 -22.27 11.27 16.52
N THR D 68 -21.31 12.10 16.90
CA THR D 68 -20.27 12.50 15.97
C THR D 68 -19.09 11.55 15.97
N THR D 69 -19.28 10.33 16.49
CA THR D 69 -18.20 9.33 16.49
C THR D 69 -18.64 7.98 15.96
N VAL D 70 -17.67 7.25 15.43
CA VAL D 70 -17.83 5.84 15.14
C VAL D 70 -16.59 5.15 15.64
N THR D 71 -16.74 3.89 16.06
CA THR D 71 -15.66 3.21 16.74
C THR D 71 -15.51 1.78 16.28
N LEU D 72 -14.28 1.43 15.91
CA LEU D 72 -13.92 0.06 15.63
C LEU D 72 -13.27 -0.52 16.88
N THR D 73 -13.85 -1.60 17.39
CA THR D 73 -13.31 -2.29 18.54
C THR D 73 -12.77 -3.64 18.11
N ILE D 74 -11.52 -3.91 18.48
CA ILE D 74 -10.88 -5.18 18.18
C ILE D 74 -10.55 -5.87 19.50
N SER D 75 -11.35 -6.88 19.86
N SER D 75 -11.35 -6.87 19.86
CA SER D 75 -11.12 -7.62 21.09
CA SER D 75 -11.09 -7.59 21.10
C SER D 75 -10.01 -8.65 20.87
C SER D 75 -9.96 -8.58 20.86
N GLY D 76 -9.28 -8.99 21.93
CA GLY D 76 -8.22 -9.97 21.83
C GLY D 76 -7.29 -9.76 20.65
N VAL D 77 -6.65 -8.59 20.62
CA VAL D 77 -5.77 -8.23 19.51
C VAL D 77 -4.66 -9.24 19.28
N GLN D 78 -4.45 -9.59 18.01
CA GLN D 78 -3.46 -10.58 17.60
C GLN D 78 -2.48 -9.95 16.63
N ALA D 79 -1.34 -10.59 16.43
CA ALA D 79 -0.26 -10.01 15.61
C ALA D 79 -0.71 -9.73 14.18
N GLU D 80 -1.61 -10.55 13.64
CA GLU D 80 -2.03 -10.35 12.25
C GLU D 80 -2.97 -9.17 12.13
N ASP D 81 -3.34 -8.59 13.28
CA ASP D 81 -4.21 -7.43 13.31
C ASP D 81 -3.39 -6.15 13.07
N GLU D 82 -2.08 -6.27 13.17
CA GLU D 82 -1.20 -5.12 12.95
C GLU D 82 -1.38 -4.61 11.52
N ALA D 83 -1.88 -3.38 11.40
CA ALA D 83 -2.25 -2.81 10.11
C ALA D 83 -2.72 -1.37 10.34
N ASP D 84 -3.04 -0.65 9.26
CA ASP D 84 -3.67 0.65 9.38
C ASP D 84 -5.16 0.42 9.22
N TYR D 85 -5.95 1.15 10.00
CA TYR D 85 -7.40 1.08 9.89
C TYR D 85 -7.94 2.43 9.53
N TYR D 86 -8.73 2.48 8.45
CA TYR D 86 -9.30 3.73 7.98
C TYR D 86 -10.80 3.71 8.13
N CYS D 87 -11.38 4.83 8.55
CA CYS D 87 -12.82 4.99 8.46
C CYS D 87 -13.15 5.79 7.19
N GLN D 88 -14.20 5.36 6.49
CA GLN D 88 -14.70 6.07 5.32
C GLN D 88 -16.14 6.45 5.60
N SER D 89 -16.53 7.64 5.18
CA SER D 89 -17.93 8.02 5.30
C SER D 89 -18.24 8.98 4.16
N ALA D 90 -19.22 9.87 4.39
CA ALA D 90 -19.58 10.86 3.39
C ALA D 90 -19.86 12.18 4.09
N ASP D 91 -19.81 13.27 3.34
CA ASP D 91 -20.12 14.58 3.90
C ASP D 91 -21.59 14.66 4.32
N SER D 92 -21.97 15.73 5.02
CA SER D 92 -23.32 15.87 5.52
C SER D 92 -24.40 15.68 4.45
N SER D 93 -24.13 16.13 3.22
CA SER D 93 -25.10 16.01 2.14
C SER D 93 -25.14 14.61 1.53
N GLY D 94 -24.08 13.84 1.72
CA GLY D 94 -24.03 12.51 1.16
C GLY D 94 -23.56 12.55 -0.27
N THR D 95 -22.92 13.65 -0.64
CA THR D 95 -22.49 13.90 -2.01
C THR D 95 -21.11 13.37 -2.31
N TYR D 96 -20.20 13.46 -1.34
CA TYR D 96 -18.82 13.02 -1.58
C TYR D 96 -18.19 12.26 -0.41
N VAL D 97 -17.24 11.38 -0.76
CA VAL D 97 -16.61 10.53 0.23
C VAL D 97 -15.61 11.31 1.08
N VAL D 98 -15.54 10.96 2.36
CA VAL D 98 -14.57 11.53 3.28
C VAL D 98 -13.87 10.40 4.04
N PHE D 99 -12.66 10.65 4.51
CA PHE D 99 -11.87 9.66 5.20
C PHE D 99 -11.24 10.20 6.48
N GLY D 100 -10.91 9.31 7.40
CA GLY D 100 -9.97 9.64 8.46
C GLY D 100 -8.55 9.49 7.92
N GLY D 101 -7.57 9.95 8.68
CA GLY D 101 -6.17 9.88 8.26
C GLY D 101 -5.56 8.50 8.40
N GLY D 102 -6.35 7.55 8.90
CA GLY D 102 -5.88 6.21 9.16
C GLY D 102 -5.26 6.08 10.56
N THR D 103 -5.48 4.95 11.19
CA THR D 103 -4.84 4.68 12.48
C THR D 103 -3.95 3.44 12.36
N LYS D 104 -2.67 3.58 12.69
CA LYS D 104 -1.77 2.43 12.68
C LYS D 104 -1.93 1.70 14.01
N LEU D 105 -2.33 0.44 13.94
CA LEU D 105 -2.43 -0.44 15.11
C LEU D 105 -1.16 -1.25 15.26
N THR D 106 -0.48 -1.07 16.39
CA THR D 106 0.71 -1.83 16.74
C THR D 106 0.43 -2.80 17.87
N VAL D 107 0.97 -4.01 17.75
CA VAL D 107 0.79 -5.00 18.80
C VAL D 107 2.14 -5.18 19.47
N LEU D 108 2.26 -4.67 20.69
CA LEU D 108 3.50 -4.74 21.44
C LEU D 108 3.73 -6.13 22.02
S SO4 E . 13.82 -11.10 -0.51
O1 SO4 E . 14.31 -10.24 0.55
O2 SO4 E . 14.12 -10.50 -1.82
O3 SO4 E . 12.37 -11.24 -0.36
O4 SO4 E . 14.45 -12.42 -0.45
C1 CIT F . 10.30 12.35 -0.60
O1 CIT F . 11.55 12.23 -0.60
O2 CIT F . 9.59 11.37 -0.30
C2 CIT F . 9.64 13.67 -0.95
C3 CIT F . 8.43 13.35 -1.82
O7 CIT F . 8.59 12.02 -2.37
C4 CIT F . 8.32 14.31 -2.99
C5 CIT F . 7.84 13.55 -4.20
O3 CIT F . 6.86 12.77 -4.12
O4 CIT F . 8.43 13.67 -5.30
C6 CIT F . 7.17 13.43 -0.96
O5 CIT F . 6.06 13.12 -1.45
O6 CIT F . 7.22 13.82 0.23
S SO4 G . -14.35 8.32 -6.50
O1 SO4 G . -14.92 9.16 -7.55
O2 SO4 G . -12.88 8.31 -6.59
O3 SO4 G . -14.87 6.96 -6.68
O4 SO4 G . -14.72 8.85 -5.19
O5 88Q H . -5.20 -0.63 -1.38
C11 88Q H . -4.19 -1.39 -2.02
C10 88Q H . -2.91 -1.26 -1.24
C9 88Q H . -1.81 -1.93 -2.04
C8 88Q H . -0.50 -1.71 -1.35
O4 88Q H . -3.04 -1.84 0.06
C12 88Q H . -2.66 0.12 -1.13
O6 88Q H . -1.58 0.48 -0.36
C7 88Q H . -0.59 -0.59 -0.31
C5 88Q H . 0.58 0.16 -0.70
O3 88Q H . 1.51 -0.69 -0.17
C6 88Q H . 2.50 -1.14 -1.02
C4 88Q H . 0.28 0.28 -2.20
C3 88Q H . 1.43 -0.20 -3.03
C2 88Q H . 2.68 -0.17 -2.16
O2 88Q H . 2.93 1.14 -1.67
C1 88Q H . 3.82 -0.66 -2.99
O1 88Q H . 4.94 -0.78 -2.16
#